data_3S49
#
_entry.id   3S49
#
_cell.length_a   47.095
_cell.length_b   47.095
_cell.length_c   424.655
_cell.angle_alpha   90.00
_cell.angle_beta   90.00
_cell.angle_gamma   120.00
#
_symmetry.space_group_name_H-M   'H 3 2'
#
loop_
_entity.id
_entity.type
_entity.pdbx_description
1 polymer "RNA (5'-R(*GP*UP*AP*UP*AP*(RUS)P*AP*C)-3')"
2 non-polymer 'POTASSIUM ION'
3 water water
#
_entity_poly.entity_id   1
_entity_poly.type   'polyribonucleotide'
_entity_poly.pdbx_seq_one_letter_code
;GUAUA(RUS)AC
;
_entity_poly.pdbx_strand_id   A,B,C,D,E,F,G
#
loop_
_chem_comp.id
_chem_comp.type
_chem_comp.name
_chem_comp.formula
A RNA linking ADENOSINE-5'-MONOPHOSPHATE 'C10 H14 N5 O7 P'
C RNA linking CYTIDINE-5'-MONOPHOSPHATE 'C9 H14 N3 O8 P'
G RNA linking GUANOSINE-5'-MONOPHOSPHATE 'C10 H14 N5 O8 P'
K non-polymer 'POTASSIUM ION' 'K 1'
RUS RNA linking 1-(5-O-phosphono-beta-D-ribofuranosyl)-2-selanylpyrimidin-4(1H)-one 'C9 H13 N2 O8 P Se'
U RNA linking URIDINE-5'-MONOPHOSPHATE 'C9 H13 N2 O9 P'
#
# COMPACT_ATOMS: atom_id res chain seq x y z
P RUS A 6 -4.33 35.27 -7.12
N1 RUS A 6 -8.17 32.55 -4.55
C2 RUS A 6 -8.85 31.84 -3.57
SE2 RUS A 6 -10.49 31.31 -3.71
N3 RUS A 6 -8.11 31.60 -2.43
C4 RUS A 6 -6.80 31.98 -2.18
O4 RUS A 6 -6.28 31.68 -1.11
C5 RUS A 6 -6.16 32.71 -3.25
C6 RUS A 6 -6.86 32.96 -4.36
C1' RUS A 6 -8.90 32.86 -5.84
O1P RUS A 6 -4.28 36.40 -8.07
C2' RUS A 6 -9.78 34.10 -5.75
O2' RUS A 6 -10.93 33.91 -6.56
O2P RUS A 6 -3.59 35.33 -5.82
C3' RUS A 6 -8.82 35.18 -6.24
O3' RUS A 6 -9.46 36.39 -6.63
C4' RUS A 6 -8.17 34.46 -7.41
O4' RUS A 6 -7.99 33.11 -6.91
C5' RUS A 6 -6.83 35.02 -7.83
O5' RUS A 6 -5.86 34.94 -6.80
P RUS B 6 -10.02 20.08 -7.56
N1 RUS B 6 -5.14 22.32 -6.78
C2 RUS B 6 -3.98 22.82 -6.18
SE2 RUS B 6 -2.65 23.50 -7.08
N3 RUS B 6 -3.98 22.75 -4.80
C4 RUS B 6 -4.99 22.22 -3.99
O4 RUS B 6 -4.85 22.22 -2.77
C5 RUS B 6 -6.14 21.71 -4.69
C6 RUS B 6 -6.17 21.78 -6.03
C1' RUS B 6 -5.22 22.34 -8.29
O1P RUS B 6 -10.72 19.21 -8.52
C2' RUS B 6 -4.47 21.17 -8.92
O2' RUS B 6 -3.92 21.57 -10.16
O2P RUS B 6 -10.01 19.72 -6.12
C3' RUS B 6 -5.61 20.16 -9.03
O3' RUS B 6 -5.30 19.09 -9.90
C4' RUS B 6 -6.73 21.06 -9.55
O4' RUS B 6 -6.57 22.26 -8.76
C5' RUS B 6 -8.15 20.56 -9.38
O5' RUS B 6 -8.49 20.28 -8.02
P RUS C 6 -0.66 -1.82 14.73
N1 RUS C 6 -4.99 -0.32 11.77
C2 RUS C 6 -5.74 0.01 10.64
SE2 RUS C 6 -7.48 0.02 10.59
N3 RUS C 6 -4.99 0.31 9.54
C4 RUS C 6 -3.60 0.33 9.44
O4 RUS C 6 -3.06 0.62 8.38
C5 RUS C 6 -2.90 -0.03 10.65
C6 RUS C 6 -3.60 -0.33 11.74
C1' RUS C 6 -5.67 -0.69 13.07
O1P RUS C 6 -0.43 -2.73 15.87
C2' RUS C 6 -6.15 -2.14 13.08
O2' RUS C 6 -7.34 -2.26 13.85
O2P RUS C 6 0.05 -2.01 13.45
C3' RUS C 6 -4.89 -2.79 13.66
O3' RUS C 6 -5.02 -4.14 14.09
C4' RUS C 6 -4.61 -1.83 14.80
O4' RUS C 6 -4.77 -0.55 14.15
C5' RUS C 6 -3.21 -1.93 15.40
O5' RUS C 6 -2.22 -1.81 14.38
P RUS D 6 -9.03 11.76 12.81
N1 RUS D 6 -3.89 10.50 12.86
C2 RUS D 6 -2.61 10.17 12.39
SE2 RUS D 6 -1.24 9.88 13.41
N3 RUS D 6 -2.51 10.09 11.01
C4 RUS D 6 -3.52 10.30 10.08
O4 RUS D 6 -3.27 10.18 8.88
C5 RUS D 6 -4.81 10.64 10.63
C6 RUS D 6 -4.93 10.72 11.97
C1' RUS D 6 -4.14 10.63 14.36
O1P RUS D 6 -10.00 12.62 13.50
C2' RUS D 6 -3.72 11.97 14.95
O2' RUS D 6 -3.23 11.82 16.27
O2P RUS D 6 -8.86 11.87 11.34
C3' RUS D 6 -5.03 12.74 14.86
O3' RUS D 6 -5.09 13.90 15.67
C4' RUS D 6 -6.01 11.68 15.32
O4' RUS D 6 -5.51 10.49 14.66
C5' RUS D 6 -7.45 11.91 14.93
O5' RUS D 6 -7.59 11.93 13.51
P RUS E 6 12.88 -18.36 -7.32
N1 RUS E 6 13.12 -17.27 -1.99
C2 RUS E 6 12.74 -17.16 -0.66
SE2 RUS E 6 13.84 -16.89 0.67
N3 RUS E 6 11.38 -17.26 -0.45
C4 RUS E 6 10.40 -17.48 -1.41
O4 RUS E 6 9.23 -17.56 -1.08
C5 RUS E 6 10.86 -17.61 -2.77
C6 RUS E 6 12.18 -17.50 -2.99
C1' RUS E 6 14.58 -17.18 -2.37
O1P RUS E 6 13.75 -18.95 -8.36
C2' RUS E 6 15.31 -18.49 -2.19
O2' RUS E 6 16.65 -18.27 -1.81
O2P RUS E 6 11.55 -18.97 -7.06
C3' RUS E 6 15.14 -19.06 -3.60
O3' RUS E 6 15.99 -20.15 -3.91
C4' RUS E 6 15.46 -17.83 -4.43
O4' RUS E 6 14.71 -16.79 -3.73
C5' RUS E 6 15.02 -17.92 -5.87
O5' RUS E 6 13.64 -18.33 -5.94
P RUS F 6 12.76 -5.01 1.62
N1 RUS F 6 9.98 -6.88 -2.37
C2 RUS F 6 8.93 -7.47 -3.07
SE2 RUS F 6 8.90 -7.68 -4.79
N3 RUS F 6 7.90 -7.91 -2.29
C4 RUS F 6 7.81 -7.84 -0.90
O4 RUS F 6 6.81 -8.28 -0.34
C5 RUS F 6 8.92 -7.19 -0.25
C6 RUS F 6 9.93 -6.76 -0.99
C1' RUS F 6 11.20 -6.35 -3.16
O1P RUS F 6 13.57 -3.85 2.04
C2' RUS F 6 10.92 -4.99 -3.77
O2' RUS F 6 11.56 -4.88 -5.02
O2P RUS F 6 11.51 -5.34 2.32
C3' RUS F 6 11.48 -4.06 -2.70
O3' RUS F 6 11.75 -2.78 -3.20
C4' RUS F 6 12.75 -4.80 -2.30
O4' RUS F 6 12.36 -6.20 -2.37
C5' RUS F 6 13.30 -4.47 -0.92
O5' RUS F 6 12.37 -4.84 0.08
P RUS G 6 -4.53 -42.20 -6.75
N1 RUS G 6 -1.57 -38.77 -9.55
C2 RUS G 6 -0.55 -37.88 -9.89
SE2 RUS G 6 -0.49 -36.98 -11.36
N3 RUS G 6 0.45 -37.75 -8.95
C4 RUS G 6 0.54 -38.40 -7.73
O4 RUS G 6 1.49 -38.18 -6.99
C5 RUS G 6 -0.55 -39.30 -7.44
C6 RUS G 6 -1.53 -39.45 -8.35
C1' RUS G 6 -2.70 -38.97 -10.54
O1P RUS G 6 -5.45 -43.35 -6.92
C2' RUS G 6 -2.39 -40.06 -11.57
O2' RUS G 6 -2.99 -39.76 -12.82
O2P RUS G 6 -3.34 -42.34 -5.88
C3' RUS G 6 -2.99 -41.28 -10.88
O3' RUS G 6 -3.19 -42.38 -11.76
C4' RUS G 6 -4.29 -40.69 -10.36
O4' RUS G 6 -3.90 -39.38 -9.89
C5' RUS G 6 -4.95 -41.47 -9.24
O5' RUS G 6 -4.02 -41.71 -8.19
K K H . -12.21 -1.82 9.67
K K I . 18.14 -17.86 4.61
K K J . 15.37 -5.55 6.41
#